data_8ZVH
#
_entry.id   8ZVH
#
_cell.length_a   65.043
_cell.length_b   65.043
_cell.length_c   116.211
_cell.angle_alpha   90.00
_cell.angle_beta   90.00
_cell.angle_gamma   90.00
#
_symmetry.space_group_name_H-M   'P 41'
#
loop_
_entity.id
_entity.type
_entity.pdbx_description
1 polymer AetD
2 non-polymer 'FE (II) ION'
3 non-polymer PHENYLALANINE
4 non-polymer 'NICKEL (II) ION'
5 water water
#
_entity_poly.entity_id   1
_entity_poly.type   'polypeptide(L)'
_entity_poly.pdbx_seq_one_letter_code
;GAGAGAGAGAGMKAILQLILEKRQEFEKLPCFEFVRDETISPEERLILYPCIAAFALNFRDLNRYDYRDDNSSDYYQKII
NIHTQEDAKHWEWFLNDLELLGFDKTMRFSEALRFVWSDDLLHTRRLCHNIAVLSHDLEPVMKMVVIEAMETAGLVIFHA
LAKPGESIAKATRRKYLYVADSHVEVETGHAVGTENIITILEQTQLSSEQEEKAKEIVNKVFQWSTNLIGEFERYVKAHR
SEKAQPTAAY
;
_entity_poly.pdbx_strand_id   A,B
#
# COMPACT_ATOMS: atom_id res chain seq x y z
N GLY A 9 9.08 -33.35 14.47
CA GLY A 9 7.96 -32.53 13.94
C GLY A 9 6.65 -33.31 13.87
N ALA A 10 5.80 -33.18 14.89
CA ALA A 10 4.35 -33.50 14.85
C ALA A 10 3.55 -32.20 14.88
N GLY A 11 4.01 -31.21 15.67
CA GLY A 11 3.60 -29.79 15.59
C GLY A 11 3.87 -29.21 14.22
N MET A 12 5.14 -29.15 13.79
CA MET A 12 5.47 -28.77 12.39
C MET A 12 4.60 -29.59 11.41
N LYS A 13 4.48 -30.90 11.61
CA LYS A 13 3.73 -31.82 10.70
C LYS A 13 2.26 -31.38 10.58
N ALA A 14 1.64 -30.95 11.68
CA ALA A 14 0.23 -30.47 11.67
C ALA A 14 0.14 -29.23 10.77
N ILE A 15 1.06 -28.26 10.94
CA ILE A 15 1.09 -26.94 10.22
C ILE A 15 1.12 -27.22 8.72
N LEU A 16 2.07 -28.03 8.26
CA LEU A 16 2.23 -28.40 6.83
C LEU A 16 0.94 -29.07 6.33
N GLN A 17 0.29 -29.86 7.19
CA GLN A 17 -0.95 -30.59 6.85
C GLN A 17 -2.11 -29.58 6.79
N LEU A 18 -2.20 -28.63 7.73
CA LEU A 18 -3.19 -27.53 7.67
C LEU A 18 -3.04 -26.75 6.34
N ILE A 19 -1.82 -26.48 5.89
CA ILE A 19 -1.58 -25.72 4.62
C ILE A 19 -2.17 -26.52 3.44
N LEU A 20 -1.85 -27.81 3.33
CA LEU A 20 -2.41 -28.69 2.26
C LEU A 20 -3.94 -28.64 2.33
N GLU A 21 -4.54 -28.73 3.53
CA GLU A 21 -6.01 -28.72 3.70
C GLU A 21 -6.59 -27.38 3.18
N LYS A 22 -5.97 -26.25 3.57
CA LYS A 22 -6.39 -24.91 3.10
C LYS A 22 -6.24 -24.81 1.58
N ARG A 23 -5.14 -25.35 1.05
CA ARG A 23 -4.88 -25.34 -0.41
C ARG A 23 -5.99 -26.11 -1.11
N GLN A 24 -6.37 -27.29 -0.61
CA GLN A 24 -7.46 -28.12 -1.21
C GLN A 24 -8.75 -27.31 -1.29
N GLU A 25 -9.13 -26.57 -0.24
CA GLU A 25 -10.34 -25.68 -0.28
C GLU A 25 -10.12 -24.57 -1.30
N PHE A 26 -8.98 -23.91 -1.20
CA PHE A 26 -8.64 -22.72 -2.02
C PHE A 26 -8.72 -23.07 -3.52
N GLU A 27 -8.17 -24.22 -3.94
CA GLU A 27 -8.15 -24.69 -5.35
C GLU A 27 -9.55 -24.80 -5.94
N LYS A 28 -10.56 -25.03 -5.11
CA LYS A 28 -11.97 -25.30 -5.52
C LYS A 28 -12.81 -24.02 -5.61
N LEU A 29 -12.23 -22.83 -5.40
CA LEU A 29 -13.05 -21.58 -5.43
C LEU A 29 -13.64 -21.36 -6.80
N PRO A 30 -14.85 -20.77 -6.87
CA PRO A 30 -15.51 -20.50 -8.15
C PRO A 30 -14.64 -19.75 -9.18
N CYS A 31 -13.85 -18.77 -8.73
CA CYS A 31 -12.95 -18.00 -9.62
C CYS A 31 -12.07 -18.95 -10.45
N PHE A 32 -11.51 -19.98 -9.83
CA PHE A 32 -10.56 -20.93 -10.46
C PHE A 32 -11.30 -21.94 -11.34
N GLU A 33 -12.55 -22.27 -11.00
CA GLU A 33 -13.44 -23.05 -11.89
C GLU A 33 -13.59 -22.29 -13.21
N PHE A 34 -13.92 -21.01 -13.11
CA PHE A 34 -14.09 -20.08 -14.26
C PHE A 34 -12.79 -20.03 -15.09
N VAL A 35 -11.67 -19.66 -14.46
CA VAL A 35 -10.34 -19.48 -15.12
C VAL A 35 -9.89 -20.76 -15.88
N ARG A 36 -10.28 -21.93 -15.40
CA ARG A 36 -9.91 -23.27 -15.92
C ARG A 36 -10.89 -23.75 -17.00
N ASP A 37 -11.99 -23.04 -17.25
CA ASP A 37 -13.09 -23.51 -18.13
C ASP A 37 -12.72 -23.26 -19.61
N GLU A 38 -12.29 -24.31 -20.30
CA GLU A 38 -11.78 -24.12 -21.68
C GLU A 38 -12.95 -23.85 -22.64
N THR A 39 -14.23 -23.97 -22.21
CA THR A 39 -15.40 -23.66 -23.08
C THR A 39 -15.58 -22.14 -23.16
N ILE A 40 -14.83 -21.38 -22.37
CA ILE A 40 -14.85 -19.90 -22.43
C ILE A 40 -13.54 -19.41 -23.02
N SER A 41 -13.58 -18.43 -23.91
CA SER A 41 -12.37 -17.84 -24.54
C SER A 41 -11.38 -17.49 -23.43
N PRO A 42 -10.07 -17.81 -23.60
CA PRO A 42 -9.05 -17.43 -22.62
C PRO A 42 -9.07 -15.91 -22.41
N GLU A 43 -9.49 -15.17 -23.45
CA GLU A 43 -9.56 -13.69 -23.41
C GLU A 43 -10.57 -13.27 -22.36
N GLU A 44 -11.73 -13.93 -22.29
CA GLU A 44 -12.77 -13.61 -21.28
C GLU A 44 -12.31 -14.11 -19.91
N ARG A 45 -11.56 -15.22 -19.84
CA ARG A 45 -11.16 -15.74 -18.52
C ARG A 45 -10.10 -14.81 -17.88
N LEU A 46 -9.29 -14.11 -18.68
CA LEU A 46 -8.27 -13.18 -18.15
C LEU A 46 -8.81 -11.75 -18.01
N ILE A 47 -10.11 -11.50 -18.08
CA ILE A 47 -10.64 -10.13 -17.91
C ILE A 47 -10.35 -9.62 -16.49
N LEU A 48 -10.12 -10.51 -15.53
CA LEU A 48 -9.69 -10.13 -14.15
C LEU A 48 -8.23 -9.64 -14.09
N TYR A 49 -7.46 -9.77 -15.17
CA TYR A 49 -5.99 -9.52 -15.16
C TYR A 49 -5.65 -8.15 -14.56
N PRO A 50 -6.27 -7.04 -15.00
CA PRO A 50 -5.89 -5.73 -14.47
C PRO A 50 -6.03 -5.63 -12.95
N CYS A 51 -6.94 -6.38 -12.32
CA CYS A 51 -7.15 -6.38 -10.84
C CYS A 51 -5.81 -6.70 -10.14
N ILE A 52 -4.91 -7.42 -10.81
CA ILE A 52 -3.68 -7.92 -10.12
C ILE A 52 -2.76 -6.71 -9.83
N ALA A 53 -2.92 -5.61 -10.54
CA ALA A 53 -2.14 -4.37 -10.38
C ALA A 53 -2.10 -3.95 -8.90
N ALA A 54 -3.25 -4.01 -8.24
CA ALA A 54 -3.42 -3.57 -6.84
C ALA A 54 -2.65 -4.52 -5.91
N PHE A 55 -2.04 -5.61 -6.43
CA PHE A 55 -1.40 -6.72 -5.65
C PHE A 55 0.06 -6.94 -6.08
N ALA A 56 0.32 -7.03 -7.38
CA ALA A 56 1.62 -7.43 -7.94
C ALA A 56 2.73 -6.51 -7.42
N LEU A 57 2.55 -5.19 -7.44
CA LEU A 57 3.65 -4.29 -7.04
C LEU A 57 3.72 -4.20 -5.52
N ASN A 58 2.59 -4.34 -4.81
CA ASN A 58 2.62 -4.43 -3.33
C ASN A 58 3.40 -5.68 -2.93
N PHE A 59 3.29 -6.74 -3.72
CA PHE A 59 4.00 -7.99 -3.40
C PHE A 59 5.53 -7.78 -3.53
N ARG A 60 5.94 -7.14 -4.62
CA ARG A 60 7.35 -6.71 -4.81
C ARG A 60 7.82 -6.00 -3.54
N ASP A 61 7.07 -4.99 -3.07
CA ASP A 61 7.45 -4.14 -1.90
C ASP A 61 7.49 -5.00 -0.63
N LEU A 62 6.52 -5.89 -0.44
CA LEU A 62 6.55 -6.82 0.72
C LEU A 62 7.89 -7.59 0.75
N ASN A 63 8.32 -8.08 -0.40
CA ASN A 63 9.56 -8.90 -0.51
C ASN A 63 10.76 -7.98 -0.25
N ARG A 64 10.79 -6.82 -0.89
CA ARG A 64 11.93 -5.88 -0.80
C ARG A 64 12.08 -5.34 0.61
N TYR A 65 11.00 -4.94 1.28
CA TYR A 65 11.09 -4.05 2.45
C TYR A 65 10.58 -4.69 3.74
N ASP A 66 9.82 -5.78 3.63
CA ASP A 66 9.25 -6.43 4.83
C ASP A 66 9.90 -7.80 5.04
N TYR A 67 9.81 -8.69 4.07
CA TYR A 67 10.37 -10.06 4.22
C TYR A 67 11.90 -9.98 4.40
N ARG A 68 12.57 -9.28 3.49
CA ARG A 68 14.06 -9.17 3.40
C ARG A 68 14.65 -8.46 4.61
N ASP A 69 15.79 -8.95 5.12
CA ASP A 69 16.56 -8.26 6.19
C ASP A 69 18.03 -8.51 5.88
N ASP A 70 18.66 -7.63 5.10
CA ASP A 70 19.94 -7.96 4.43
C ASP A 70 20.98 -8.29 5.51
N ASN A 71 20.95 -7.57 6.64
CA ASN A 71 22.00 -7.59 7.69
C ASN A 71 21.89 -8.82 8.62
N SER A 72 20.84 -9.63 8.53
CA SER A 72 20.61 -10.76 9.48
C SER A 72 21.66 -11.85 9.25
N SER A 73 22.27 -12.33 10.34
CA SER A 73 23.15 -13.53 10.37
C SER A 73 22.31 -14.80 10.51
N ASP A 74 21.04 -14.67 10.91
CA ASP A 74 20.11 -15.81 11.12
C ASP A 74 20.14 -16.69 9.86
N TYR A 75 20.41 -17.97 10.10
CA TYR A 75 20.32 -19.10 9.13
C TYR A 75 18.99 -19.02 8.36
N TYR A 76 17.85 -18.93 9.05
CA TYR A 76 16.51 -18.93 8.39
C TYR A 76 16.31 -17.62 7.59
N GLN A 77 16.75 -16.47 8.10
CA GLN A 77 16.55 -15.16 7.42
C GLN A 77 17.41 -15.08 6.16
N LYS A 78 18.58 -15.70 6.16
CA LYS A 78 19.49 -15.67 4.99
C LYS A 78 18.83 -16.41 3.83
N ILE A 79 18.12 -17.50 4.13
CA ILE A 79 17.39 -18.34 3.13
C ILE A 79 16.18 -17.53 2.62
N ILE A 80 15.37 -16.96 3.52
CA ILE A 80 14.32 -15.97 3.12
C ILE A 80 14.93 -14.91 2.17
N ASN A 81 16.00 -14.23 2.58
CA ASN A 81 16.56 -13.13 1.75
C ASN A 81 16.83 -13.63 0.34
N ILE A 82 17.44 -14.80 0.20
CA ILE A 82 17.77 -15.36 -1.14
C ILE A 82 16.50 -15.47 -1.97
N HIS A 83 15.45 -16.06 -1.40
CA HIS A 83 14.16 -16.30 -2.09
C HIS A 83 13.50 -14.96 -2.47
N THR A 84 13.61 -13.93 -1.62
CA THR A 84 13.01 -12.58 -1.86
C THR A 84 13.67 -11.88 -3.05
N GLN A 85 14.97 -12.12 -3.28
CA GLN A 85 15.70 -11.44 -4.38
C GLN A 85 14.97 -11.81 -5.67
N GLU A 86 14.69 -13.08 -5.88
CA GLU A 86 14.07 -13.59 -7.13
C GLU A 86 12.58 -13.20 -7.19
N ASP A 87 11.82 -13.46 -6.13
CA ASP A 87 10.32 -13.37 -6.15
C ASP A 87 9.88 -11.91 -6.31
N ALA A 88 10.74 -10.96 -5.93
CA ALA A 88 10.50 -9.51 -6.09
C ALA A 88 10.79 -9.04 -7.53
N LYS A 89 11.08 -9.93 -8.48
CA LYS A 89 11.37 -9.46 -9.87
C LYS A 89 10.17 -9.68 -10.78
N HIS A 90 9.10 -10.34 -10.29
CA HIS A 90 8.01 -10.82 -11.16
C HIS A 90 7.08 -9.67 -11.57
N TRP A 91 7.15 -8.52 -10.89
CA TRP A 91 6.23 -7.41 -11.20
C TRP A 91 6.46 -6.90 -12.62
N GLU A 92 7.70 -6.95 -13.14
CA GLU A 92 7.98 -6.60 -14.55
C GLU A 92 7.25 -7.59 -15.46
N TRP A 93 7.17 -8.85 -15.07
CA TRP A 93 6.44 -9.85 -15.89
C TRP A 93 4.96 -9.43 -15.92
N PHE A 94 4.40 -9.01 -14.78
CA PHE A 94 3.02 -8.52 -14.69
C PHE A 94 2.80 -7.41 -15.75
N LEU A 95 3.69 -6.43 -15.80
CA LEU A 95 3.52 -5.29 -16.72
C LEU A 95 3.71 -5.72 -18.19
N ASN A 96 4.60 -6.67 -18.44
CA ASN A 96 4.80 -7.28 -19.78
C ASN A 96 3.47 -7.81 -20.29
N ASP A 97 2.83 -8.69 -19.51
CA ASP A 97 1.61 -9.40 -19.95
C ASP A 97 0.46 -8.38 -19.97
N LEU A 98 0.47 -7.39 -19.07
CA LEU A 98 -0.60 -6.34 -19.06
C LEU A 98 -0.69 -5.73 -20.46
N GLU A 99 0.48 -5.46 -21.05
CA GLU A 99 0.60 -4.84 -22.40
C GLU A 99 0.12 -5.83 -23.49
N LEU A 100 0.62 -7.07 -23.45
CA LEU A 100 0.32 -8.15 -24.45
C LEU A 100 -1.19 -8.43 -24.46
N LEU A 101 -1.84 -8.41 -23.29
CA LEU A 101 -3.30 -8.70 -23.15
C LEU A 101 -4.15 -7.53 -23.63
N GLY A 102 -3.55 -6.39 -24.00
CA GLY A 102 -4.33 -5.20 -24.40
C GLY A 102 -4.91 -4.44 -23.22
N PHE A 103 -4.41 -4.64 -21.98
CA PHE A 103 -4.98 -3.99 -20.77
C PHE A 103 -4.13 -2.78 -20.33
N ASP A 104 -3.04 -2.49 -21.03
CA ASP A 104 -2.24 -1.28 -20.73
C ASP A 104 -2.85 -0.10 -21.49
N LYS A 105 -4.07 0.24 -21.14
CA LYS A 105 -4.89 1.27 -21.84
C LYS A 105 -4.42 2.67 -21.42
N THR A 106 -4.59 3.62 -22.34
CA THR A 106 -4.56 5.08 -22.10
C THR A 106 -5.76 5.48 -21.24
N MET A 107 -5.50 6.19 -20.13
CA MET A 107 -6.52 6.70 -19.19
C MET A 107 -5.96 7.93 -18.47
N ARG A 108 -6.81 8.72 -17.85
CA ARG A 108 -6.34 9.81 -16.96
C ARG A 108 -5.65 9.18 -15.75
N PHE A 109 -4.65 9.88 -15.23
CA PHE A 109 -3.94 9.50 -13.99
C PHE A 109 -4.97 9.13 -12.93
N SER A 110 -6.02 9.95 -12.78
CA SER A 110 -7.01 9.77 -11.69
C SER A 110 -7.79 8.47 -11.92
N GLU A 111 -8.06 8.09 -13.18
CA GLU A 111 -8.75 6.80 -13.48
C GLU A 111 -7.91 5.60 -12.99
N ALA A 112 -6.60 5.64 -13.19
CA ALA A 112 -5.69 4.60 -12.67
C ALA A 112 -5.74 4.59 -11.15
N LEU A 113 -5.65 5.77 -10.50
CA LEU A 113 -5.65 5.83 -9.03
C LEU A 113 -6.97 5.26 -8.50
N ARG A 114 -8.10 5.71 -9.04
CA ARG A 114 -9.45 5.30 -8.57
C ARG A 114 -9.59 3.80 -8.78
N PHE A 115 -8.92 3.24 -9.77
CA PHE A 115 -8.95 1.77 -10.00
C PHE A 115 -8.18 1.06 -8.89
N VAL A 116 -6.91 1.42 -8.74
CA VAL A 116 -6.03 0.78 -7.73
C VAL A 116 -6.68 0.85 -6.34
N TRP A 117 -7.23 2.01 -5.94
CA TRP A 117 -7.83 2.23 -4.61
C TRP A 117 -9.36 1.97 -4.61
N SER A 118 -9.87 1.26 -5.63
CA SER A 118 -11.29 0.86 -5.70
C SER A 118 -11.69 0.14 -4.41
N ASP A 119 -12.90 0.42 -3.89
CA ASP A 119 -13.49 -0.34 -2.76
C ASP A 119 -13.72 -1.79 -3.19
N ASP A 120 -13.78 -2.04 -4.48
CA ASP A 120 -14.05 -3.39 -5.04
C ASP A 120 -12.72 -4.17 -5.14
N LEU A 121 -11.56 -3.53 -4.87
CA LEU A 121 -10.25 -4.23 -4.80
C LEU A 121 -9.56 -3.94 -3.47
N LEU A 122 -10.31 -3.68 -2.39
CA LEU A 122 -9.75 -3.45 -1.04
C LEU A 122 -8.90 -4.63 -0.57
N HIS A 123 -9.44 -5.85 -0.63
CA HIS A 123 -8.78 -7.05 -0.08
C HIS A 123 -7.54 -7.36 -0.93
N THR A 124 -7.64 -7.12 -2.25
CA THR A 124 -6.52 -7.29 -3.22
C THR A 124 -5.39 -6.34 -2.82
N ARG A 125 -5.73 -5.06 -2.66
CA ARG A 125 -4.79 -3.97 -2.36
C ARG A 125 -4.11 -4.22 -1.01
N ARG A 126 -4.83 -4.73 -0.02
CA ARG A 126 -4.37 -4.81 1.39
C ARG A 126 -3.82 -6.19 1.76
N LEU A 127 -3.83 -7.18 0.87
CA LEU A 127 -3.26 -8.52 1.20
C LEU A 127 -1.81 -8.40 1.71
N CYS A 128 -0.90 -7.74 0.97
CA CYS A 128 0.52 -7.60 1.42
C CYS A 128 0.66 -6.73 2.68
N HIS A 129 -0.14 -5.69 2.79
CA HIS A 129 -0.25 -4.88 4.02
C HIS A 129 -0.55 -5.79 5.21
N ASN A 130 -1.59 -6.65 5.09
CA ASN A 130 -1.99 -7.59 6.18
C ASN A 130 -0.83 -8.56 6.49
N ILE A 131 -0.08 -9.02 5.51
CA ILE A 131 1.05 -9.99 5.74
C ILE A 131 2.20 -9.28 6.47
N ALA A 132 2.51 -8.05 6.08
CA ALA A 132 3.55 -7.24 6.75
C ALA A 132 3.16 -7.01 8.21
N VAL A 133 1.89 -6.69 8.48
CA VAL A 133 1.41 -6.47 9.87
C VAL A 133 1.53 -7.79 10.61
N LEU A 134 1.07 -8.91 10.04
CA LEU A 134 1.18 -10.26 10.66
C LEU A 134 2.65 -10.57 10.95
N SER A 135 3.58 -10.13 10.09
CA SER A 135 4.99 -10.60 10.08
C SER A 135 5.89 -9.77 10.98
N HIS A 136 5.44 -8.61 11.47
CA HIS A 136 6.26 -7.52 12.08
C HIS A 136 7.13 -8.06 13.22
N ASP A 137 6.59 -8.90 14.10
CA ASP A 137 7.30 -9.39 15.32
C ASP A 137 7.65 -10.88 15.21
N LEU A 138 7.58 -11.47 14.02
CA LEU A 138 7.85 -12.93 13.83
C LEU A 138 9.37 -13.11 13.75
N GLU A 139 9.87 -14.12 14.46
CA GLU A 139 11.22 -14.72 14.29
C GLU A 139 11.31 -15.34 12.89
N PRO A 140 12.49 -15.33 12.23
CA PRO A 140 12.63 -15.86 10.88
C PRO A 140 11.97 -17.21 10.58
N VAL A 141 12.09 -18.22 11.46
CA VAL A 141 11.42 -19.54 11.24
C VAL A 141 9.91 -19.33 11.01
N MET A 142 9.28 -18.37 11.70
CA MET A 142 7.82 -18.19 11.61
C MET A 142 7.48 -17.34 10.38
N LYS A 143 8.37 -16.43 9.98
CA LYS A 143 8.26 -15.71 8.68
C LYS A 143 8.25 -16.74 7.55
N MET A 144 8.99 -17.84 7.69
CA MET A 144 9.00 -18.95 6.69
C MET A 144 7.62 -19.60 6.56
N VAL A 145 6.90 -19.80 7.66
CA VAL A 145 5.52 -20.33 7.61
C VAL A 145 4.65 -19.34 6.82
N VAL A 146 4.79 -18.03 7.05
CA VAL A 146 3.98 -16.99 6.33
C VAL A 146 4.26 -17.19 4.85
N ILE A 147 5.54 -17.22 4.47
CA ILE A 147 5.99 -17.29 3.05
C ILE A 147 5.50 -18.59 2.42
N GLU A 148 5.65 -19.72 3.11
CA GLU A 148 5.21 -21.04 2.57
C GLU A 148 3.70 -21.06 2.37
N ALA A 149 2.92 -20.56 3.35
CA ALA A 149 1.44 -20.52 3.23
C ALA A 149 1.08 -19.68 2.00
N MET A 150 1.65 -18.47 1.96
CA MET A 150 1.37 -17.45 0.92
C MET A 150 1.68 -18.06 -0.44
N GLU A 151 2.87 -18.65 -0.54
CA GLU A 151 3.38 -19.22 -1.83
C GLU A 151 2.50 -20.39 -2.24
N THR A 152 1.96 -21.14 -1.27
CA THR A 152 1.05 -22.28 -1.56
C THR A 152 -0.17 -21.73 -2.29
N ALA A 153 -0.77 -20.64 -1.80
CA ALA A 153 -1.88 -19.93 -2.46
C ALA A 153 -1.46 -19.37 -3.83
N GLY A 154 -0.30 -18.70 -3.91
CA GLY A 154 0.22 -18.17 -5.18
C GLY A 154 0.29 -19.25 -6.25
N LEU A 155 0.83 -20.41 -5.89
CA LEU A 155 1.04 -21.51 -6.87
C LEU A 155 -0.33 -21.98 -7.37
N VAL A 156 -1.34 -22.03 -6.50
CA VAL A 156 -2.74 -22.33 -6.94
C VAL A 156 -3.18 -21.28 -7.95
N ILE A 157 -3.04 -19.99 -7.62
CA ILE A 157 -3.53 -18.85 -8.43
C ILE A 157 -2.91 -18.94 -9.83
N PHE A 158 -1.58 -19.01 -9.88
CA PHE A 158 -0.81 -18.90 -11.12
C PHE A 158 -0.90 -20.19 -11.93
N HIS A 159 -1.04 -21.34 -11.28
CA HIS A 159 -1.28 -22.60 -12.02
C HIS A 159 -2.60 -22.45 -12.80
N ALA A 160 -3.62 -21.84 -12.18
CA ALA A 160 -4.91 -21.62 -12.85
C ALA A 160 -4.73 -20.60 -13.95
N LEU A 161 -4.11 -19.43 -13.65
CA LEU A 161 -4.08 -18.32 -14.64
C LEU A 161 -3.24 -18.71 -15.88
N ALA A 162 -2.22 -19.54 -15.69
CA ALA A 162 -1.28 -19.99 -16.73
C ALA A 162 -2.02 -20.77 -17.81
N LYS A 163 -3.16 -21.39 -17.48
CA LYS A 163 -3.95 -22.16 -18.49
C LYS A 163 -4.46 -21.24 -19.61
N PRO A 164 -5.31 -20.19 -19.39
CA PRO A 164 -5.67 -19.30 -20.49
C PRO A 164 -4.49 -18.48 -21.02
N GLY A 165 -3.51 -18.16 -20.15
CA GLY A 165 -2.28 -17.46 -20.57
C GLY A 165 -1.53 -18.21 -21.65
N GLU A 166 -1.20 -19.48 -21.43
CA GLU A 166 -0.42 -20.32 -22.39
C GLU A 166 -1.24 -20.53 -23.68
N SER A 167 -2.56 -20.62 -23.57
CA SER A 167 -3.50 -20.66 -24.71
C SER A 167 -3.27 -19.42 -25.58
N ILE A 168 -3.32 -18.23 -24.99
CA ILE A 168 -3.11 -16.97 -25.75
C ILE A 168 -1.67 -16.90 -26.26
N ALA A 169 -0.69 -17.25 -25.43
CA ALA A 169 0.75 -17.15 -25.77
C ALA A 169 1.00 -17.99 -27.03
N LYS A 170 0.44 -19.21 -27.07
CA LYS A 170 0.64 -20.18 -28.19
C LYS A 170 -0.01 -19.64 -29.47
N ALA A 171 -1.26 -19.21 -29.36
CA ALA A 171 -2.08 -18.75 -30.49
C ALA A 171 -1.50 -17.46 -31.07
N THR A 172 -0.96 -16.55 -30.25
CA THR A 172 -0.53 -15.21 -30.73
C THR A 172 0.96 -15.22 -31.04
N ARG A 173 1.65 -16.32 -30.74
CA ARG A 173 3.11 -16.48 -30.91
C ARG A 173 3.82 -15.35 -30.14
N ARG A 174 3.32 -15.04 -28.95
CA ARG A 174 3.96 -14.08 -28.02
C ARG A 174 4.38 -14.82 -26.75
N LYS A 175 5.46 -14.36 -26.12
CA LYS A 175 5.99 -14.94 -24.87
C LYS A 175 5.35 -14.20 -23.68
N TYR A 176 4.47 -14.88 -22.99
CA TYR A 176 3.89 -14.43 -21.71
C TYR A 176 4.82 -14.85 -20.59
N LEU A 177 4.97 -14.01 -19.57
CA LEU A 177 5.96 -14.17 -18.48
C LEU A 177 5.27 -14.31 -17.13
N TYR A 178 4.07 -13.76 -16.98
CA TYR A 178 3.39 -13.67 -15.66
C TYR A 178 2.28 -14.71 -15.54
N VAL A 179 1.32 -14.74 -16.46
CA VAL A 179 0.29 -15.81 -16.51
C VAL A 179 0.81 -16.90 -17.46
N ALA A 180 1.81 -17.63 -16.99
CA ALA A 180 2.68 -18.49 -17.80
C ALA A 180 3.28 -19.55 -16.90
N ASP A 181 3.44 -20.74 -17.47
CA ASP A 181 4.07 -21.90 -16.79
C ASP A 181 5.45 -21.50 -16.26
N SER A 182 6.23 -20.69 -16.99
CA SER A 182 7.59 -20.29 -16.55
C SER A 182 7.51 -19.70 -15.14
N HIS A 183 6.49 -18.89 -14.88
CA HIS A 183 6.34 -18.19 -13.58
C HIS A 183 6.13 -19.21 -12.46
N VAL A 184 5.20 -20.13 -12.67
CA VAL A 184 4.84 -21.22 -11.71
C VAL A 184 6.11 -22.02 -11.42
N GLU A 185 6.89 -22.36 -12.45
CA GLU A 185 8.07 -23.25 -12.28
C GLU A 185 9.16 -22.54 -11.47
N VAL A 186 9.60 -21.36 -11.91
CA VAL A 186 10.70 -20.62 -11.22
C VAL A 186 10.27 -20.31 -9.77
N GLU A 187 9.01 -19.92 -9.54
CA GLU A 187 8.43 -19.60 -8.19
C GLU A 187 8.52 -20.82 -7.25
N THR A 188 8.14 -22.01 -7.71
CA THR A 188 8.23 -23.28 -6.93
C THR A 188 9.67 -23.48 -6.43
N GLY A 189 10.65 -23.25 -7.31
CA GLY A 189 12.08 -23.07 -6.96
C GLY A 189 12.92 -24.28 -7.33
N GLU A 195 19.93 -21.62 -1.76
CA GLU A 195 19.74 -22.86 -2.55
C GLU A 195 18.49 -23.61 -2.06
N ASN A 196 18.37 -23.89 -0.76
CA ASN A 196 17.28 -24.75 -0.20
C ASN A 196 15.93 -24.04 -0.38
N ILE A 197 14.89 -24.81 -0.70
CA ILE A 197 13.47 -24.38 -0.72
C ILE A 197 13.03 -24.25 0.75
N ILE A 198 12.20 -23.27 1.07
CA ILE A 198 11.71 -23.09 2.46
C ILE A 198 10.98 -24.36 2.96
N THR A 199 10.21 -25.07 2.12
CA THR A 199 9.43 -26.25 2.58
C THR A 199 10.40 -27.32 3.09
N ILE A 200 11.58 -27.44 2.47
CA ILE A 200 12.67 -28.38 2.88
C ILE A 200 13.02 -28.09 4.34
N LEU A 201 12.84 -26.86 4.81
CA LEU A 201 12.83 -26.57 6.28
C LEU A 201 11.49 -27.08 6.87
N GLU A 202 11.37 -28.41 6.82
CA GLU A 202 10.47 -29.35 7.55
C GLU A 202 11.39 -30.28 8.36
N GLN A 203 12.65 -29.85 8.53
CA GLN A 203 13.67 -30.38 9.47
C GLN A 203 13.69 -29.50 10.71
N THR A 204 12.64 -28.69 10.92
CA THR A 204 12.50 -27.75 12.05
C THR A 204 11.35 -28.20 12.95
N GLN A 205 11.54 -28.16 14.28
CA GLN A 205 10.49 -28.48 15.27
C GLN A 205 9.91 -27.15 15.79
N LEU A 206 8.60 -27.10 16.02
CA LEU A 206 7.95 -25.90 16.60
C LEU A 206 7.58 -26.20 18.06
N SER A 207 7.97 -25.28 18.95
CA SER A 207 7.44 -25.16 20.34
C SER A 207 5.92 -25.05 20.28
N SER A 208 5.22 -25.40 21.36
CA SER A 208 3.74 -25.34 21.45
C SER A 208 3.25 -23.93 21.07
N GLU A 209 3.94 -22.89 21.52
CA GLU A 209 3.55 -21.49 21.25
C GLU A 209 3.76 -21.18 19.76
N GLN A 210 4.92 -21.53 19.19
CA GLN A 210 5.16 -21.42 17.72
C GLN A 210 4.01 -22.08 16.95
N GLU A 211 3.58 -23.26 17.39
CA GLU A 211 2.56 -24.10 16.71
C GLU A 211 1.24 -23.33 16.67
N GLU A 212 0.86 -22.72 17.79
CA GLU A 212 -0.36 -21.87 17.92
C GLU A 212 -0.28 -20.70 16.91
N LYS A 213 0.84 -19.96 16.92
CA LYS A 213 1.10 -18.79 16.03
C LYS A 213 1.00 -19.23 14.56
N ALA A 214 1.53 -20.40 14.24
CA ALA A 214 1.63 -20.89 12.85
C ALA A 214 0.22 -21.21 12.35
N LYS A 215 -0.63 -21.82 13.19
CA LYS A 215 -2.07 -22.08 12.84
C LYS A 215 -2.76 -20.76 12.50
N GLU A 216 -2.62 -19.76 13.37
CA GLU A 216 -3.12 -18.37 13.16
C GLU A 216 -2.61 -17.82 11.82
N ILE A 217 -1.30 -17.96 11.54
CA ILE A 217 -0.65 -17.51 10.27
C ILE A 217 -1.34 -18.20 9.09
N VAL A 218 -1.44 -19.52 9.08
CA VAL A 218 -2.00 -20.26 7.92
C VAL A 218 -3.47 -19.89 7.72
N ASN A 219 -4.24 -19.81 8.80
CA ASN A 219 -5.69 -19.43 8.69
C ASN A 219 -5.83 -18.03 8.06
N LYS A 220 -5.06 -17.03 8.51
CA LYS A 220 -5.20 -15.64 8.03
C LYS A 220 -4.74 -15.55 6.57
N VAL A 221 -3.59 -16.14 6.27
CA VAL A 221 -3.01 -16.09 4.89
C VAL A 221 -4.07 -16.60 3.92
N PHE A 222 -4.71 -17.74 4.23
CA PHE A 222 -5.74 -18.29 3.31
C PHE A 222 -7.04 -17.49 3.36
N GLN A 223 -7.39 -16.94 4.52
CA GLN A 223 -8.59 -16.08 4.59
C GLN A 223 -8.34 -14.87 3.69
N TRP A 224 -7.17 -14.22 3.84
CA TRP A 224 -6.92 -12.98 3.07
C TRP A 224 -6.84 -13.31 1.57
N SER A 225 -6.25 -14.44 1.20
CA SER A 225 -6.13 -14.92 -0.20
C SER A 225 -7.51 -15.16 -0.78
N THR A 226 -8.41 -15.84 -0.06
CA THR A 226 -9.82 -16.09 -0.47
C THR A 226 -10.59 -14.77 -0.62
N ASN A 227 -10.33 -13.76 0.23
CA ASN A 227 -10.96 -12.42 0.12
C ASN A 227 -10.58 -11.79 -1.22
N LEU A 228 -9.29 -11.85 -1.58
CA LEU A 228 -8.77 -11.29 -2.86
C LEU A 228 -9.51 -12.00 -4.00
N ILE A 229 -9.59 -13.33 -3.94
CA ILE A 229 -10.16 -14.12 -5.07
C ILE A 229 -11.66 -13.79 -5.26
N GLY A 230 -12.40 -13.59 -4.17
CA GLY A 230 -13.81 -13.13 -4.19
C GLY A 230 -13.96 -11.82 -4.92
N GLU A 231 -13.05 -10.89 -4.69
CA GLU A 231 -13.08 -9.62 -5.42
C GLU A 231 -12.85 -9.88 -6.91
N PHE A 232 -11.93 -10.79 -7.27
CA PHE A 232 -11.67 -11.08 -8.70
C PHE A 232 -12.95 -11.66 -9.31
N GLU A 233 -13.57 -12.60 -8.59
CA GLU A 233 -14.79 -13.28 -9.06
C GLU A 233 -15.87 -12.22 -9.35
N ARG A 234 -16.05 -11.25 -8.45
CA ARG A 234 -17.11 -10.22 -8.60
C ARG A 234 -16.76 -9.24 -9.70
N TYR A 235 -15.47 -8.89 -9.86
CA TYR A 235 -14.98 -8.07 -10.98
C TYR A 235 -15.32 -8.78 -12.31
N VAL A 236 -15.06 -10.08 -12.40
CA VAL A 236 -15.31 -10.87 -13.64
C VAL A 236 -16.81 -10.74 -13.93
N LYS A 237 -17.63 -11.08 -12.94
CA LYS A 237 -19.10 -11.02 -13.09
C LYS A 237 -19.49 -9.64 -13.64
N ALA A 238 -18.84 -8.56 -13.23
CA ALA A 238 -19.20 -7.18 -13.67
C ALA A 238 -18.54 -6.80 -15.01
N HIS A 239 -17.74 -7.68 -15.64
CA HIS A 239 -16.96 -7.37 -16.88
C HIS A 239 -17.03 -8.52 -17.90
N ARG A 240 -18.05 -9.36 -17.84
CA ARG A 240 -18.16 -10.62 -18.63
C ARG A 240 -18.19 -10.29 -20.13
N SER A 241 -18.92 -9.23 -20.51
CA SER A 241 -19.09 -8.74 -21.91
C SER A 241 -17.74 -8.27 -22.49
N GLU A 242 -16.89 -7.75 -21.61
CA GLU A 242 -15.51 -7.27 -21.90
C GLU A 242 -14.53 -8.48 -21.90
N LYS A 243 -13.38 -8.35 -22.57
CA LYS A 243 -12.36 -9.43 -22.68
C LYS A 243 -10.98 -8.82 -22.90
N ALA A 244 -9.91 -9.60 -22.71
CA ALA A 244 -8.54 -9.24 -23.12
C ALA A 244 -8.51 -9.02 -24.64
N GLN A 245 -7.62 -8.17 -25.12
CA GLN A 245 -7.46 -7.87 -26.56
C GLN A 245 -5.99 -8.09 -26.92
N PRO A 246 -5.53 -9.36 -26.98
CA PRO A 246 -4.15 -9.61 -27.36
C PRO A 246 -4.07 -9.30 -28.85
N THR A 247 -2.94 -8.78 -29.31
CA THR A 247 -2.67 -8.65 -30.76
C THR A 247 -1.76 -9.82 -31.15
N ALA A 248 -1.98 -10.36 -32.36
CA ALA A 248 -1.12 -11.37 -33.02
C ALA A 248 0.19 -10.70 -33.41
N GLY B 11 4.55 14.50 32.12
CA GLY B 11 4.87 13.34 31.22
C GLY B 11 4.24 13.49 29.84
N MET B 12 2.94 13.77 29.79
CA MET B 12 2.18 14.26 28.61
C MET B 12 2.72 15.63 28.18
N LYS B 13 2.92 16.51 29.17
CA LYS B 13 3.47 17.88 29.01
C LYS B 13 4.71 17.80 28.11
N ALA B 14 5.63 16.88 28.44
CA ALA B 14 6.91 16.63 27.75
C ALA B 14 6.67 16.05 26.34
N ILE B 15 5.73 15.10 26.19
CA ILE B 15 5.39 14.49 24.88
C ILE B 15 4.91 15.62 23.96
N LEU B 16 3.97 16.44 24.44
CA LEU B 16 3.36 17.57 23.70
C LEU B 16 4.42 18.62 23.36
N GLN B 17 5.43 18.77 24.21
CA GLN B 17 6.54 19.72 23.96
C GLN B 17 7.49 19.12 22.93
N LEU B 18 7.71 17.79 22.95
CA LEU B 18 8.59 17.11 21.97
C LEU B 18 7.96 17.25 20.56
N ILE B 19 6.65 17.09 20.43
CA ILE B 19 5.92 17.31 19.14
C ILE B 19 6.14 18.76 18.65
N LEU B 20 6.23 19.76 19.54
CA LEU B 20 6.37 21.17 19.09
C LEU B 20 7.82 21.39 18.65
N GLU B 21 8.78 20.78 19.35
CA GLU B 21 10.21 20.78 18.92
C GLU B 21 10.32 20.15 17.53
N LYS B 22 9.75 18.95 17.34
CA LYS B 22 9.85 18.21 16.06
C LYS B 22 9.17 19.04 14.97
N ARG B 23 8.05 19.70 15.26
CA ARG B 23 7.40 20.60 14.30
C ARG B 23 8.38 21.72 13.88
N GLN B 24 9.14 22.25 14.83
CA GLN B 24 9.97 23.46 14.57
C GLN B 24 11.14 23.10 13.65
N GLU B 25 11.75 21.92 13.83
CA GLU B 25 12.83 21.48 12.90
C GLU B 25 12.17 21.11 11.55
N PHE B 26 11.01 20.45 11.57
CA PHE B 26 10.29 20.01 10.35
C PHE B 26 9.93 21.22 9.47
N GLU B 27 9.42 22.29 10.08
CA GLU B 27 9.06 23.55 9.37
C GLU B 27 10.22 24.12 8.55
N LYS B 28 11.46 23.84 8.95
CA LYS B 28 12.71 24.45 8.40
C LYS B 28 13.21 23.71 7.15
N LEU B 29 12.72 22.49 6.84
CA LEU B 29 13.23 21.66 5.74
C LEU B 29 13.29 22.46 4.43
N PRO B 30 14.36 22.26 3.64
CA PRO B 30 14.52 22.95 2.35
C PRO B 30 13.27 22.91 1.45
N CYS B 31 12.59 21.76 1.35
CA CYS B 31 11.37 21.61 0.55
C CYS B 31 10.36 22.69 0.92
N PHE B 32 10.23 23.03 2.21
CA PHE B 32 9.24 24.02 2.69
C PHE B 32 9.69 25.45 2.33
N GLU B 33 10.97 25.76 2.46
CA GLU B 33 11.51 27.09 2.06
C GLU B 33 11.25 27.29 0.56
N PHE B 34 11.42 26.24 -0.24
CA PHE B 34 11.13 26.29 -1.70
C PHE B 34 9.64 26.59 -1.95
N VAL B 35 8.74 25.76 -1.40
CA VAL B 35 7.25 25.94 -1.55
C VAL B 35 6.81 27.34 -1.08
N ARG B 36 7.48 27.93 -0.10
CA ARG B 36 7.07 29.25 0.46
C ARG B 36 7.67 30.39 -0.37
N ASP B 37 8.60 30.09 -1.28
CA ASP B 37 9.44 31.14 -1.91
C ASP B 37 8.61 31.85 -2.97
N GLU B 38 8.13 33.07 -2.68
CA GLU B 38 7.18 33.75 -3.59
C GLU B 38 7.93 34.32 -4.81
N THR B 39 9.27 34.26 -4.86
CA THR B 39 10.04 34.68 -6.07
C THR B 39 10.04 33.58 -7.15
N ILE B 40 9.51 32.40 -6.82
CA ILE B 40 9.33 31.27 -7.77
C ILE B 40 7.83 31.18 -8.11
N SER B 41 7.46 31.03 -9.38
CA SER B 41 6.03 30.93 -9.77
C SER B 41 5.37 29.81 -8.96
N PRO B 42 4.09 29.93 -8.56
CA PRO B 42 3.45 28.87 -7.79
C PRO B 42 3.28 27.57 -8.61
N GLU B 43 3.20 27.70 -9.94
CA GLU B 43 3.12 26.55 -10.90
C GLU B 43 4.38 25.71 -10.77
N GLU B 44 5.54 26.34 -10.58
CA GLU B 44 6.83 25.64 -10.42
C GLU B 44 6.93 25.04 -9.02
N ARG B 45 6.38 25.72 -8.01
CA ARG B 45 6.53 25.21 -6.62
C ARG B 45 5.64 23.98 -6.44
N LEU B 46 4.54 23.91 -7.17
CA LEU B 46 3.61 22.76 -7.07
C LEU B 46 3.97 21.67 -8.11
N ILE B 47 5.17 21.71 -8.69
CA ILE B 47 5.81 20.55 -9.40
C ILE B 47 5.65 19.25 -8.59
N LEU B 48 5.71 19.31 -7.27
CA LEU B 48 5.70 18.08 -6.41
C LEU B 48 4.27 17.55 -6.21
N TYR B 49 3.25 18.23 -6.74
CA TYR B 49 1.85 17.93 -6.44
C TYR B 49 1.56 16.46 -6.79
N PRO B 50 1.91 15.97 -8.01
CA PRO B 50 1.60 14.59 -8.38
C PRO B 50 2.14 13.54 -7.40
N CYS B 51 3.27 13.84 -6.72
CA CYS B 51 3.92 12.94 -5.74
C CYS B 51 2.92 12.54 -4.66
N ILE B 52 1.95 13.42 -4.40
CA ILE B 52 1.01 13.24 -3.27
C ILE B 52 0.11 12.04 -3.58
N ALA B 53 -0.08 11.64 -4.84
CA ALA B 53 -0.96 10.50 -5.22
C ALA B 53 -0.56 9.28 -4.39
N ALA B 54 0.74 9.00 -4.30
CA ALA B 54 1.31 7.81 -3.64
C ALA B 54 0.96 7.82 -2.14
N PHE B 55 0.34 8.91 -1.64
CA PHE B 55 0.08 9.22 -0.21
C PHE B 55 -1.41 9.48 0.07
N ALA B 56 -2.06 10.40 -0.67
CA ALA B 56 -3.40 10.95 -0.32
C ALA B 56 -4.40 9.80 -0.17
N LEU B 57 -4.31 8.80 -1.05
CA LEU B 57 -5.28 7.69 -1.06
C LEU B 57 -4.92 6.67 0.01
N ASN B 58 -3.63 6.46 0.30
CA ASN B 58 -3.20 5.62 1.44
C ASN B 58 -3.65 6.27 2.74
N PHE B 59 -3.70 7.59 2.79
CA PHE B 59 -4.13 8.32 4.01
C PHE B 59 -5.62 8.09 4.24
N ARG B 60 -6.41 8.12 3.18
CA ARG B 60 -7.85 7.74 3.23
C ARG B 60 -8.00 6.34 3.84
N ASP B 61 -7.24 5.36 3.34
CA ASP B 61 -7.33 3.95 3.80
C ASP B 61 -6.86 3.87 5.25
N LEU B 62 -5.77 4.56 5.60
CA LEU B 62 -5.29 4.57 7.01
C LEU B 62 -6.46 4.94 7.93
N ASN B 63 -7.18 6.01 7.59
CA ASN B 63 -8.32 6.51 8.37
C ASN B 63 -9.47 5.51 8.37
N ARG B 64 -9.81 4.93 7.21
CA ARG B 64 -11.01 4.05 7.09
C ARG B 64 -10.76 2.75 7.85
N TYR B 65 -9.56 2.21 7.78
CA TYR B 65 -9.35 0.77 8.04
C TYR B 65 -8.40 0.55 9.21
N ASP B 66 -7.49 1.47 9.51
CA ASP B 66 -6.38 1.19 10.45
C ASP B 66 -6.60 1.93 11.78
N TYR B 67 -7.00 3.19 11.70
CA TYR B 67 -7.31 4.08 12.85
C TYR B 67 -8.69 3.75 13.42
N ARG B 68 -9.71 3.75 12.56
CA ARG B 68 -11.15 3.48 12.89
C ARG B 68 -11.31 2.02 13.33
N ASP B 69 -12.03 1.81 14.45
CA ASP B 69 -12.52 0.47 14.88
C ASP B 69 -13.97 0.63 15.34
N ASP B 70 -14.94 0.31 14.45
CA ASP B 70 -16.38 0.48 14.74
C ASP B 70 -16.83 -0.61 15.71
N ASN B 71 -16.03 -1.67 15.87
CA ASN B 71 -16.27 -2.79 16.83
C ASN B 71 -16.08 -2.29 18.29
N SER B 72 -15.19 -1.31 18.53
CA SER B 72 -14.76 -0.88 19.88
C SER B 72 -15.90 -0.22 20.66
N SER B 73 -15.80 -0.20 22.00
CA SER B 73 -16.69 0.54 22.92
C SER B 73 -15.90 1.53 23.81
N ASP B 74 -14.57 1.63 23.64
CA ASP B 74 -13.68 2.49 24.47
C ASP B 74 -13.91 3.96 24.07
N TYR B 75 -14.01 4.85 25.07
CA TYR B 75 -14.34 6.30 24.94
C TYR B 75 -13.40 6.97 23.94
N TYR B 76 -12.09 6.74 24.09
CA TYR B 76 -11.00 7.35 23.28
C TYR B 76 -11.12 6.88 21.82
N GLN B 77 -11.32 5.58 21.59
CA GLN B 77 -11.48 4.99 20.24
C GLN B 77 -12.71 5.60 19.54
N LYS B 78 -13.76 5.97 20.27
CA LYS B 78 -14.98 6.59 19.69
C LYS B 78 -14.64 7.99 19.16
N ILE B 79 -13.90 8.76 19.95
CA ILE B 79 -13.35 10.10 19.56
C ILE B 79 -12.56 9.90 18.27
N ILE B 80 -11.58 8.99 18.29
CA ILE B 80 -10.75 8.64 17.09
C ILE B 80 -11.68 8.32 15.92
N ASN B 81 -12.66 7.44 16.14
CA ASN B 81 -13.59 6.95 15.08
C ASN B 81 -14.26 8.17 14.44
N ILE B 82 -14.71 9.12 15.27
CA ILE B 82 -15.37 10.37 14.81
C ILE B 82 -14.41 11.14 13.90
N HIS B 83 -13.18 11.38 14.36
CA HIS B 83 -12.21 12.26 13.64
C HIS B 83 -11.80 11.61 12.31
N THR B 84 -11.56 10.29 12.29
CA THR B 84 -11.14 9.55 11.07
C THR B 84 -12.23 9.65 10.00
N GLN B 85 -13.49 9.75 10.42
CA GLN B 85 -14.68 9.95 9.55
C GLN B 85 -14.43 11.11 8.59
N GLU B 86 -14.02 12.27 9.11
CA GLU B 86 -13.78 13.51 8.31
C GLU B 86 -12.48 13.41 7.49
N ASP B 87 -11.38 13.03 8.14
CA ASP B 87 -10.04 12.99 7.51
C ASP B 87 -10.01 12.01 6.32
N ALA B 88 -10.89 11.00 6.32
CA ALA B 88 -11.06 10.01 5.21
C ALA B 88 -11.75 10.63 3.99
N LYS B 89 -12.20 11.88 4.04
CA LYS B 89 -12.97 12.49 2.91
C LYS B 89 -12.06 13.34 2.01
N HIS B 90 -10.85 13.66 2.44
CA HIS B 90 -10.04 14.71 1.77
C HIS B 90 -9.39 14.19 0.47
N TRP B 91 -9.36 12.87 0.24
CA TRP B 91 -8.75 12.27 -0.98
C TRP B 91 -9.45 12.79 -2.25
N GLU B 92 -10.77 13.01 -2.22
CA GLU B 92 -11.49 13.58 -3.38
C GLU B 92 -10.97 15.00 -3.67
N TRP B 93 -10.58 15.76 -2.63
CA TRP B 93 -10.02 17.13 -2.80
C TRP B 93 -8.69 17.03 -3.57
N PHE B 94 -7.86 16.05 -3.22
CA PHE B 94 -6.59 15.79 -3.93
C PHE B 94 -6.87 15.62 -5.43
N LEU B 95 -7.89 14.84 -5.78
CA LEU B 95 -8.21 14.52 -7.19
C LEU B 95 -8.76 15.78 -7.88
N ASN B 96 -9.55 16.58 -7.14
CA ASN B 96 -10.07 17.89 -7.61
C ASN B 96 -8.92 18.80 -8.06
N ASP B 97 -7.95 19.06 -7.19
CA ASP B 97 -6.82 19.98 -7.45
C ASP B 97 -5.86 19.32 -8.45
N LEU B 98 -5.75 17.98 -8.48
CA LEU B 98 -4.91 17.31 -9.50
C LEU B 98 -5.34 17.80 -10.89
N GLU B 99 -6.65 17.81 -11.11
CA GLU B 99 -7.21 18.19 -12.43
C GLU B 99 -7.09 19.70 -12.61
N LEU B 100 -7.43 20.50 -11.59
CA LEU B 100 -7.27 21.97 -11.69
C LEU B 100 -5.83 22.33 -12.09
N LEU B 101 -4.82 21.62 -11.57
CA LEU B 101 -3.39 21.97 -11.79
C LEU B 101 -2.89 21.43 -13.12
N GLY B 102 -3.73 20.70 -13.87
CA GLY B 102 -3.30 20.18 -15.18
C GLY B 102 -2.39 18.96 -15.03
N PHE B 103 -2.42 18.32 -13.85
CA PHE B 103 -1.63 17.09 -13.57
C PHE B 103 -2.48 15.83 -13.80
N ASP B 104 -3.76 15.97 -14.14
CA ASP B 104 -4.60 14.75 -14.35
C ASP B 104 -4.43 14.35 -15.82
N LYS B 105 -3.19 13.98 -16.16
CA LYS B 105 -2.68 13.76 -17.54
C LYS B 105 -3.14 12.38 -18.02
N THR B 106 -3.47 12.22 -19.29
CA THR B 106 -3.73 10.86 -19.84
C THR B 106 -2.39 10.18 -20.05
N MET B 107 -2.33 8.88 -19.78
CA MET B 107 -1.07 8.10 -19.75
C MET B 107 -1.46 6.61 -19.86
N ARG B 108 -0.49 5.74 -20.14
CA ARG B 108 -0.69 4.28 -20.04
C ARG B 108 -0.95 3.93 -18.56
N PHE B 109 -1.88 3.02 -18.29
CA PHE B 109 -2.07 2.40 -16.95
C PHE B 109 -0.70 2.11 -16.29
N SER B 110 0.24 1.51 -17.05
CA SER B 110 1.55 1.08 -16.52
C SER B 110 2.38 2.30 -16.11
N GLU B 111 2.22 3.45 -16.78
CA GLU B 111 2.98 4.66 -16.37
C GLU B 111 2.43 5.19 -15.05
N ALA B 112 1.13 5.05 -14.80
CA ALA B 112 0.50 5.44 -13.52
C ALA B 112 1.03 4.51 -12.42
N LEU B 113 1.10 3.21 -12.68
CA LEU B 113 1.58 2.22 -11.68
C LEU B 113 3.07 2.46 -11.39
N ARG B 114 3.88 2.65 -12.42
CA ARG B 114 5.33 2.86 -12.27
C ARG B 114 5.57 4.17 -11.52
N PHE B 115 4.69 5.15 -11.67
CA PHE B 115 4.76 6.40 -10.88
C PHE B 115 4.48 6.12 -9.41
N VAL B 116 3.33 5.53 -9.07
CA VAL B 116 2.96 5.27 -7.65
C VAL B 116 4.06 4.44 -6.96
N TRP B 117 4.51 3.38 -7.61
CA TRP B 117 5.48 2.41 -7.03
C TRP B 117 6.93 2.78 -7.39
N SER B 118 7.17 4.00 -7.87
CA SER B 118 8.53 4.54 -8.08
C SER B 118 9.38 4.35 -6.81
N ASP B 119 10.63 3.93 -7.02
CA ASP B 119 11.67 3.90 -5.94
C ASP B 119 11.90 5.31 -5.40
N ASP B 120 11.59 6.34 -6.18
CA ASP B 120 11.79 7.76 -5.79
C ASP B 120 10.58 8.23 -4.97
N LEU B 121 9.53 7.42 -4.83
CA LEU B 121 8.42 7.80 -3.93
C LEU B 121 8.17 6.70 -2.90
N LEU B 122 9.21 5.95 -2.53
CA LEU B 122 9.13 4.82 -1.56
C LEU B 122 8.62 5.31 -0.20
N HIS B 123 9.24 6.36 0.35
CA HIS B 123 8.89 6.90 1.68
C HIS B 123 7.48 7.50 1.66
N THR B 124 7.14 8.16 0.56
CA THR B 124 5.79 8.76 0.35
C THR B 124 4.76 7.61 0.36
N ARG B 125 5.07 6.52 -0.33
CA ARG B 125 4.09 5.43 -0.57
C ARG B 125 3.92 4.63 0.72
N ARG B 126 4.98 4.50 1.51
CA ARG B 126 5.01 3.65 2.71
C ARG B 126 4.67 4.41 3.99
N LEU B 127 4.50 5.74 3.94
CA LEU B 127 4.29 6.52 5.19
C LEU B 127 3.10 5.90 5.94
N CYS B 128 1.96 5.75 5.27
CA CYS B 128 0.70 5.34 5.89
C CYS B 128 0.80 3.90 6.35
N HIS B 129 1.49 3.05 5.57
CA HIS B 129 1.78 1.64 5.93
C HIS B 129 2.56 1.61 7.25
N ASN B 130 3.62 2.43 7.33
CA ASN B 130 4.46 2.54 8.54
C ASN B 130 3.61 2.98 9.76
N ILE B 131 2.74 3.97 9.59
CA ILE B 131 1.83 4.48 10.66
C ILE B 131 0.90 3.33 11.08
N ALA B 132 0.36 2.54 10.15
CA ALA B 132 -0.54 1.40 10.45
C ALA B 132 0.18 0.35 11.28
N VAL B 133 1.40 -0.01 10.88
CA VAL B 133 2.24 -1.01 11.58
C VAL B 133 2.51 -0.48 13.00
N LEU B 134 2.96 0.77 13.13
CA LEU B 134 3.22 1.45 14.43
C LEU B 134 1.98 1.38 15.33
N SER B 135 0.78 1.52 14.75
CA SER B 135 -0.49 1.82 15.44
C SER B 135 -1.24 0.54 15.81
N HIS B 136 -1.05 -0.56 15.08
CA HIS B 136 -1.97 -1.72 15.10
C HIS B 136 -2.04 -2.34 16.50
N ASP B 137 -0.98 -2.25 17.32
CA ASP B 137 -1.01 -2.84 18.68
C ASP B 137 -0.98 -1.73 19.75
N LEU B 138 -1.44 -0.52 19.45
CA LEU B 138 -1.45 0.57 20.45
C LEU B 138 -2.81 0.66 21.12
N GLU B 139 -2.83 0.98 22.42
CA GLU B 139 -4.09 1.31 23.14
C GLU B 139 -4.55 2.66 22.58
N PRO B 140 -5.86 2.95 22.60
CA PRO B 140 -6.40 4.11 21.87
C PRO B 140 -5.76 5.47 22.22
N VAL B 141 -5.52 5.76 23.50
CA VAL B 141 -4.78 7.00 23.90
C VAL B 141 -3.44 7.10 23.13
N MET B 142 -2.71 6.00 22.95
CA MET B 142 -1.42 6.00 22.22
C MET B 142 -1.69 6.18 20.71
N LYS B 143 -2.78 5.63 20.17
CA LYS B 143 -3.20 5.95 18.78
C LYS B 143 -3.44 7.45 18.65
N MET B 144 -3.97 8.11 19.70
CA MET B 144 -4.26 9.57 19.67
C MET B 144 -2.94 10.36 19.60
N VAL B 145 -1.87 9.86 20.22
CA VAL B 145 -0.51 10.49 20.11
C VAL B 145 -0.06 10.38 18.64
N VAL B 146 -0.21 9.20 18.01
CA VAL B 146 0.18 8.99 16.57
C VAL B 146 -0.55 10.06 15.74
N ILE B 147 -1.88 10.13 15.91
CA ILE B 147 -2.79 11.01 15.11
C ILE B 147 -2.38 12.46 15.36
N GLU B 148 -2.10 12.83 16.61
CA GLU B 148 -1.84 14.25 16.96
C GLU B 148 -0.50 14.66 16.32
N ALA B 149 0.53 13.81 16.41
CA ALA B 149 1.86 14.06 15.83
C ALA B 149 1.74 14.15 14.29
N MET B 150 1.03 13.18 13.71
CA MET B 150 0.86 13.08 12.25
C MET B 150 0.19 14.36 11.76
N GLU B 151 -0.87 14.77 12.44
CA GLU B 151 -1.68 15.96 12.07
C GLU B 151 -0.81 17.22 12.20
N THR B 152 0.17 17.22 13.09
CA THR B 152 1.12 18.36 13.28
C THR B 152 2.01 18.47 12.05
N ALA B 153 2.59 17.35 11.62
CA ALA B 153 3.39 17.29 10.38
C ALA B 153 2.48 17.74 9.23
N GLY B 154 1.23 17.26 9.22
CA GLY B 154 0.24 17.59 8.18
C GLY B 154 -0.05 19.07 8.07
N LEU B 155 -0.27 19.75 9.20
CA LEU B 155 -0.53 21.22 9.26
C LEU B 155 0.66 21.98 8.66
N VAL B 156 1.88 21.56 8.96
CA VAL B 156 3.11 22.19 8.40
C VAL B 156 3.08 22.03 6.88
N ILE B 157 2.85 20.82 6.37
CA ILE B 157 2.87 20.52 4.91
C ILE B 157 1.80 21.40 4.24
N PHE B 158 0.57 21.44 4.77
CA PHE B 158 -0.57 22.07 4.05
C PHE B 158 -0.56 23.59 4.26
N HIS B 159 -0.06 24.11 5.38
CA HIS B 159 0.21 25.57 5.50
C HIS B 159 1.11 26.03 4.34
N ALA B 160 2.18 25.27 4.04
CA ALA B 160 3.15 25.61 2.97
C ALA B 160 2.47 25.48 1.60
N LEU B 161 1.83 24.35 1.30
CA LEU B 161 1.29 24.11 -0.07
C LEU B 161 0.13 25.06 -0.38
N ALA B 162 -0.67 25.45 0.62
CA ALA B 162 -1.82 26.37 0.45
C ALA B 162 -1.34 27.77 0.02
N LYS B 163 -0.05 28.10 0.18
CA LYS B 163 0.51 29.40 -0.29
C LYS B 163 0.45 29.48 -1.82
N PRO B 164 1.23 28.67 -2.56
CA PRO B 164 1.12 28.67 -4.02
C PRO B 164 -0.25 28.18 -4.51
N GLY B 165 -0.91 27.28 -3.75
CA GLY B 165 -2.26 26.81 -4.09
C GLY B 165 -3.26 27.98 -4.15
N GLU B 166 -3.26 28.86 -3.15
CA GLU B 166 -4.26 29.96 -3.06
C GLU B 166 -3.89 31.05 -4.07
N SER B 167 -2.59 31.22 -4.34
CA SER B 167 -2.08 32.09 -5.44
C SER B 167 -2.77 31.69 -6.73
N ILE B 168 -2.70 30.40 -7.08
CA ILE B 168 -3.22 29.88 -8.36
C ILE B 168 -4.73 30.02 -8.37
N ALA B 169 -5.36 29.68 -7.24
CA ALA B 169 -6.82 29.68 -7.05
C ALA B 169 -7.34 31.09 -7.32
N LYS B 170 -6.74 32.11 -6.71
CA LYS B 170 -7.22 33.51 -6.89
C LYS B 170 -6.92 33.96 -8.31
N ALA B 171 -5.73 33.66 -8.82
CA ALA B 171 -5.28 34.05 -10.16
C ALA B 171 -6.21 33.46 -11.22
N THR B 172 -6.65 32.21 -11.05
CA THR B 172 -7.45 31.47 -12.07
C THR B 172 -8.94 31.45 -11.72
N ARG B 173 -9.31 31.94 -10.53
CA ARG B 173 -10.69 31.94 -9.99
C ARG B 173 -11.30 30.54 -10.09
N ARG B 174 -10.58 29.52 -9.60
CA ARG B 174 -11.10 28.14 -9.43
C ARG B 174 -11.03 27.81 -7.93
N LYS B 175 -11.98 27.02 -7.42
CA LYS B 175 -12.01 26.63 -5.99
C LYS B 175 -11.08 25.43 -5.78
N TYR B 176 -9.86 25.70 -5.28
CA TYR B 176 -8.91 24.65 -4.82
C TYR B 176 -9.41 24.16 -3.46
N LEU B 177 -9.33 22.85 -3.22
CA LEU B 177 -9.90 22.17 -2.02
C LEU B 177 -8.81 21.47 -1.21
N TYR B 178 -7.64 21.18 -1.80
CA TYR B 178 -6.61 20.33 -1.15
C TYR B 178 -5.40 21.18 -0.77
N VAL B 179 -4.84 21.90 -1.72
CA VAL B 179 -3.71 22.83 -1.42
C VAL B 179 -4.32 24.22 -1.19
N ALA B 180 -5.09 24.31 -0.09
CA ALA B 180 -6.04 25.41 0.14
C ALA B 180 -6.28 25.65 1.63
N ASP B 181 -6.57 26.91 1.94
CA ASP B 181 -6.82 27.32 3.34
C ASP B 181 -7.95 26.48 3.92
N SER B 182 -9.01 26.22 3.16
CA SER B 182 -10.22 25.47 3.63
C SER B 182 -9.81 24.10 4.19
N HIS B 183 -8.80 23.46 3.59
CA HIS B 183 -8.27 22.14 4.04
C HIS B 183 -7.47 22.34 5.35
N VAL B 184 -6.57 23.31 5.40
CA VAL B 184 -5.74 23.65 6.59
C VAL B 184 -6.65 24.04 7.77
N GLU B 185 -7.79 24.69 7.47
CA GLU B 185 -8.72 25.25 8.48
C GLU B 185 -9.59 24.16 9.10
N VAL B 186 -10.01 23.15 8.31
CA VAL B 186 -10.96 22.09 8.76
C VAL B 186 -10.19 20.92 9.38
N GLU B 187 -8.91 20.77 9.06
CA GLU B 187 -7.99 19.80 9.73
C GLU B 187 -7.83 20.20 11.20
N THR B 188 -7.76 21.52 11.47
CA THR B 188 -7.64 22.16 12.82
C THR B 188 -9.04 22.28 13.46
N GLY B 189 -9.99 22.93 12.77
CA GLY B 189 -11.36 23.19 13.24
C GLY B 189 -12.28 22.00 13.02
N ASN B 196 -15.17 16.76 20.38
CA ASN B 196 -13.96 17.21 21.13
C ASN B 196 -12.68 16.86 20.37
N ILE B 197 -11.86 17.86 20.06
CA ILE B 197 -10.53 17.69 19.38
C ILE B 197 -9.63 16.84 20.29
N ILE B 198 -8.67 16.14 19.68
CA ILE B 198 -7.80 15.12 20.33
C ILE B 198 -6.76 15.81 21.23
N THR B 199 -6.23 16.98 20.85
CA THR B 199 -5.21 17.67 21.67
C THR B 199 -5.85 18.02 23.02
N ILE B 200 -7.14 18.38 23.01
CA ILE B 200 -7.96 18.72 24.23
C ILE B 200 -7.77 17.61 25.29
N LEU B 201 -7.55 16.37 24.86
CA LEU B 201 -7.15 15.24 25.75
C LEU B 201 -5.64 15.32 26.04
N GLU B 202 -5.18 16.54 26.33
CA GLU B 202 -3.98 16.89 27.16
C GLU B 202 -4.43 17.06 28.62
N GLN B 203 -5.46 16.31 29.02
CA GLN B 203 -5.87 16.09 30.43
C GLN B 203 -5.74 14.60 30.71
N THR B 204 -4.73 13.95 30.10
CA THR B 204 -4.43 12.50 30.21
C THR B 204 -3.08 12.33 30.90
N GLN B 205 -2.98 11.39 31.84
CA GLN B 205 -1.73 11.09 32.58
C GLN B 205 -1.12 9.84 31.93
N LEU B 206 0.12 9.96 31.42
CA LEU B 206 0.87 8.83 30.81
C LEU B 206 1.64 8.11 31.90
N SER B 207 1.44 6.80 32.02
CA SER B 207 2.38 5.89 32.72
C SER B 207 3.80 6.18 32.20
N SER B 208 4.82 5.77 32.97
CA SER B 208 6.24 5.74 32.56
C SER B 208 6.40 5.06 31.19
N GLU B 209 5.73 3.92 30.98
CA GLU B 209 5.90 3.04 29.79
C GLU B 209 5.29 3.70 28.55
N GLN B 210 4.16 4.39 28.72
CA GLN B 210 3.45 5.20 27.69
C GLN B 210 4.32 6.38 27.25
N GLU B 211 5.08 6.98 28.17
CA GLU B 211 5.98 8.12 27.88
C GLU B 211 7.10 7.64 26.97
N GLU B 212 7.67 6.46 27.26
CA GLU B 212 8.76 5.87 26.45
C GLU B 212 8.21 5.56 25.06
N LYS B 213 6.98 5.05 24.99
CA LYS B 213 6.31 4.67 23.72
C LYS B 213 5.95 5.93 22.93
N ALA B 214 5.42 6.97 23.59
CA ALA B 214 5.02 8.25 22.97
C ALA B 214 6.25 8.95 22.35
N LYS B 215 7.44 8.75 22.92
CA LYS B 215 8.74 9.22 22.37
C LYS B 215 9.05 8.49 21.05
N GLU B 216 8.90 7.16 21.04
CA GLU B 216 9.06 6.30 19.83
C GLU B 216 8.08 6.76 18.74
N ILE B 217 6.83 7.05 19.12
CA ILE B 217 5.75 7.43 18.16
C ILE B 217 6.14 8.75 17.51
N VAL B 218 6.38 9.78 18.33
CA VAL B 218 6.56 11.17 17.85
C VAL B 218 7.82 11.22 16.98
N ASN B 219 8.88 10.49 17.38
CA ASN B 219 10.17 10.44 16.63
C ASN B 219 9.95 9.77 15.27
N LYS B 220 9.29 8.62 15.24
CA LYS B 220 9.09 7.85 13.97
C LYS B 220 8.20 8.65 13.03
N VAL B 221 7.10 9.23 13.52
CA VAL B 221 6.12 9.99 12.69
C VAL B 221 6.86 11.14 11.99
N PHE B 222 7.64 11.91 12.77
CA PHE B 222 8.44 13.03 12.21
C PHE B 222 9.57 12.49 11.32
N GLN B 223 10.24 11.39 11.63
CA GLN B 223 11.31 10.85 10.74
C GLN B 223 10.67 10.40 9.41
N TRP B 224 9.55 9.69 9.47
CA TRP B 224 8.87 9.21 8.23
C TRP B 224 8.37 10.38 7.39
N SER B 225 7.90 11.44 8.04
CA SER B 225 7.37 12.66 7.38
C SER B 225 8.54 13.42 6.72
N THR B 226 9.68 13.48 7.38
CA THR B 226 10.94 14.06 6.85
C THR B 226 11.36 13.30 5.60
N ASN B 227 11.27 11.96 5.59
CA ASN B 227 11.72 11.11 4.46
C ASN B 227 10.82 11.39 3.23
N LEU B 228 9.50 11.50 3.47
CA LEU B 228 8.53 11.84 2.41
C LEU B 228 8.94 13.20 1.82
N ILE B 229 9.15 14.19 2.69
CA ILE B 229 9.42 15.57 2.19
C ILE B 229 10.73 15.59 1.42
N GLY B 230 11.76 14.84 1.85
CA GLY B 230 13.03 14.68 1.12
C GLY B 230 12.81 14.17 -0.29
N GLU B 231 11.93 13.17 -0.43
CA GLU B 231 11.52 12.64 -1.75
C GLU B 231 10.84 13.72 -2.57
N PHE B 232 9.96 14.55 -2.00
CA PHE B 232 9.29 15.68 -2.69
C PHE B 232 10.33 16.63 -3.26
N GLU B 233 11.30 17.01 -2.42
CA GLU B 233 12.42 17.89 -2.82
C GLU B 233 13.21 17.28 -3.99
N ARG B 234 13.55 15.99 -3.95
CA ARG B 234 14.34 15.33 -5.01
C ARG B 234 13.51 15.28 -6.30
N TYR B 235 12.19 15.09 -6.19
CA TYR B 235 11.29 15.06 -7.36
C TYR B 235 11.32 16.42 -8.07
N VAL B 236 11.13 17.50 -7.32
CA VAL B 236 11.16 18.87 -7.91
C VAL B 236 12.44 19.02 -8.75
N LYS B 237 13.60 18.69 -8.18
CA LYS B 237 14.94 18.83 -8.85
C LYS B 237 15.03 17.92 -10.09
N ALA B 238 14.42 16.74 -10.06
CA ALA B 238 14.45 15.77 -11.18
C ALA B 238 13.39 16.12 -12.24
N HIS B 239 12.49 17.08 -11.99
CA HIS B 239 11.28 17.34 -12.83
C HIS B 239 11.03 18.84 -12.94
N ARG B 240 12.09 19.64 -13.13
CA ARG B 240 12.01 21.11 -12.91
C ARG B 240 11.21 21.76 -14.05
N SER B 241 11.07 21.08 -15.20
CA SER B 241 10.23 21.55 -16.34
C SER B 241 8.74 21.33 -16.08
N GLU B 242 8.37 20.28 -15.34
CA GLU B 242 6.97 19.78 -15.31
C GLU B 242 6.13 20.62 -14.31
N LYS B 243 6.14 21.96 -14.50
CA LYS B 243 5.34 22.94 -13.72
C LYS B 243 3.85 22.70 -13.94
N ALA B 244 3.03 23.10 -12.98
CA ALA B 244 1.56 22.97 -13.10
C ALA B 244 1.10 23.80 -14.31
N GLN B 245 0.01 23.38 -14.93
CA GLN B 245 -0.62 24.03 -16.11
C GLN B 245 -2.10 24.27 -15.78
N PRO B 246 -2.42 25.21 -14.86
CA PRO B 246 -3.82 25.56 -14.61
C PRO B 246 -4.36 26.38 -15.79
N THR B 247 -5.69 26.52 -15.88
CA THR B 247 -6.37 27.33 -16.94
C THR B 247 -7.26 28.39 -16.27
N ALA B 248 -7.18 29.63 -16.77
CA ALA B 248 -8.06 30.76 -16.39
C ALA B 248 -9.53 30.33 -16.59
#